data_6QCK
#
_entry.id   6QCK
#
_cell.length_a   91.136
_cell.length_b   91.136
_cell.length_c   132.735
_cell.angle_alpha   90.00
_cell.angle_beta   90.00
_cell.angle_gamma   90.00
#
_symmetry.space_group_name_H-M   'I 4 2 2'
#
loop_
_entity.id
_entity.type
_entity.pdbx_description
1 polymer '17-beta-hydroxysteroid dehydrogenase 14'
2 non-polymer 'DIMETHYL SULFOXIDE'
3 non-polymer '2-[2-(1,3-benzodioxol-2-yl)ethyl]benzoic acid'
4 non-polymer NICOTINAMIDE-ADENINE-DINUCLEOTIDE
5 non-polymer 'SODIUM ION'
6 non-polymer beta-D-glucopyranose
7 water water
#
_entity_poly.entity_id   1
_entity_poly.type   'polypeptide(L)'
_entity_poly.pdbx_seq_one_letter_code
;GHMATGTRYAGKVVVVTGGGRGIGAGIVRAFVNSGARVVICDKDESGGRALEQELPGAVFILCDVTQEDDVKTLVSETIR
RFGRLDCVVNNAGHHPPPQRPEETSAQGFRQLLELNLLGTYTLTKLALPYLRKSQGNVINISSLVGAIGQAQAVPYVATK
GAVTAMTKALALDESPYGVRVNCISPGNIWTPLWEELAALMPDPRATIREGMLAQPLGRMGQPAEVGAAAVFLASEANFC
TGIELLVTGGAELGYGCKASRSTPVDAPDIPSGS
;
_entity_poly.pdbx_strand_id   A
#
# COMPACT_ATOMS: atom_id res chain seq x y z
N GLY A 6 11.88 10.84 -15.98
CA GLY A 6 11.40 9.95 -17.02
C GLY A 6 12.31 8.78 -17.30
N THR A 7 13.47 8.75 -16.62
CA THR A 7 14.41 7.66 -16.85
C THR A 7 14.92 7.01 -15.56
N ARG A 8 14.49 7.47 -14.39
CA ARG A 8 15.13 6.94 -13.19
C ARG A 8 14.77 5.48 -12.93
N TYR A 9 13.70 4.96 -13.54
CA TYR A 9 13.38 3.53 -13.42
C TYR A 9 13.05 2.95 -14.79
N ALA A 10 13.74 3.45 -15.81
CA ALA A 10 13.52 3.00 -17.17
C ALA A 10 13.93 1.54 -17.34
N GLY A 11 13.18 0.81 -18.15
CA GLY A 11 13.49 -0.57 -18.44
C GLY A 11 13.00 -1.54 -17.41
N LYS A 12 12.42 -1.05 -16.31
CA LYS A 12 11.98 -1.87 -15.20
C LYS A 12 10.49 -2.15 -15.29
N VAL A 13 10.07 -3.24 -14.66
CA VAL A 13 8.69 -3.70 -14.65
C VAL A 13 8.20 -3.74 -13.21
N VAL A 14 7.04 -3.12 -12.96
CA VAL A 14 6.51 -2.93 -11.61
C VAL A 14 5.08 -3.43 -11.57
N VAL A 15 4.73 -4.17 -10.51
CA VAL A 15 3.35 -4.59 -10.25
C VAL A 15 2.84 -3.79 -9.06
N VAL A 16 1.70 -3.12 -9.21
CA VAL A 16 1.06 -2.37 -8.12
C VAL A 16 -0.31 -2.99 -7.86
N THR A 17 -0.50 -3.54 -6.66
CA THR A 17 -1.81 -4.08 -6.32
C THR A 17 -2.73 -2.98 -5.78
N GLY A 18 -4.03 -3.17 -5.97
CA GLY A 18 -4.98 -2.10 -5.69
C GLY A 18 -4.65 -0.82 -6.43
N GLY A 19 -4.18 -0.93 -7.66
CA GLY A 19 -3.74 0.25 -8.37
C GLY A 19 -4.80 1.04 -9.11
N GLY A 20 -6.08 0.69 -8.98
CA GLY A 20 -7.10 1.32 -9.79
C GLY A 20 -7.56 2.68 -9.31
N ARG A 21 -7.31 3.03 -8.04
CA ARG A 21 -7.73 4.32 -7.50
C ARG A 21 -6.88 4.62 -6.27
N GLY A 22 -7.03 5.84 -5.75
CA GLY A 22 -6.40 6.14 -4.47
C GLY A 22 -4.89 6.15 -4.50
N ILE A 23 -4.29 5.73 -3.38
CA ILE A 23 -2.83 5.66 -3.29
C ILE A 23 -2.26 4.80 -4.41
N GLY A 24 -2.87 3.62 -4.65
CA GLY A 24 -2.39 2.73 -5.69
C GLY A 24 -2.26 3.40 -7.04
N ALA A 25 -3.30 4.14 -7.43
CA ALA A 25 -3.22 4.84 -8.71
C ALA A 25 -2.11 5.90 -8.70
N GLY A 26 -1.92 6.58 -7.56
CA GLY A 26 -0.83 7.54 -7.46
C GLY A 26 0.52 6.89 -7.64
N ILE A 27 0.67 5.68 -7.08
CA ILE A 27 1.92 4.93 -7.23
C ILE A 27 2.11 4.50 -8.68
N VAL A 28 1.05 4.01 -9.32
CA VAL A 28 1.12 3.67 -10.75
C VAL A 28 1.62 4.87 -11.56
N ARG A 29 0.99 6.02 -11.36
CA ARG A 29 1.38 7.19 -12.14
C ARG A 29 2.84 7.56 -11.89
N ALA A 30 3.29 7.50 -10.63
CA ALA A 30 4.66 7.86 -10.32
C ALA A 30 5.65 6.94 -11.05
N PHE A 31 5.36 5.64 -11.09
CA PHE A 31 6.27 4.71 -11.74
C PHE A 31 6.25 4.88 -13.26
N VAL A 32 5.08 5.12 -13.84
CA VAL A 32 5.05 5.40 -15.28
C VAL A 32 5.87 6.65 -15.60
N ASN A 33 5.73 7.70 -14.78
CA ASN A 33 6.49 8.93 -15.00
C ASN A 33 7.99 8.73 -14.82
N SER A 34 8.41 7.68 -14.14
N SER A 34 8.40 7.67 -14.12
CA SER A 34 9.82 7.38 -13.98
CA SER A 34 9.80 7.33 -13.94
C SER A 34 10.35 6.45 -15.06
C SER A 34 10.35 6.47 -15.07
N GLY A 35 9.54 6.08 -16.04
CA GLY A 35 10.00 5.29 -17.16
C GLY A 35 9.73 3.80 -17.09
N ALA A 36 9.08 3.35 -16.02
CA ALA A 36 8.79 1.92 -15.84
C ALA A 36 7.54 1.52 -16.60
N ARG A 37 7.47 0.22 -16.92
CA ARG A 37 6.22 -0.42 -17.33
C ARG A 37 5.52 -0.93 -16.08
N VAL A 38 4.20 -0.72 -16.00
CA VAL A 38 3.48 -0.99 -14.76
C VAL A 38 2.30 -1.89 -15.05
N VAL A 39 2.16 -2.94 -14.24
CA VAL A 39 1.00 -3.81 -14.27
C VAL A 39 0.12 -3.38 -13.12
N ILE A 40 -1.09 -2.93 -13.45
CA ILE A 40 -2.09 -2.50 -12.47
C ILE A 40 -2.93 -3.72 -12.12
N CYS A 41 -2.88 -4.15 -10.85
CA CYS A 41 -3.75 -5.20 -10.35
C CYS A 41 -4.87 -4.56 -9.54
N ASP A 42 -6.10 -5.00 -9.77
CA ASP A 42 -7.20 -4.55 -8.93
C ASP A 42 -8.32 -5.57 -9.06
N LYS A 43 -9.10 -5.70 -7.99
N LYS A 43 -9.14 -5.68 -8.01
CA LYS A 43 -10.26 -6.60 -8.02
CA LYS A 43 -10.32 -6.53 -8.06
C LYS A 43 -11.44 -5.97 -8.73
C LYS A 43 -11.49 -5.85 -8.75
N ASP A 44 -11.44 -4.65 -8.88
N ASP A 44 -11.39 -4.53 -8.98
CA ASP A 44 -12.46 -3.91 -9.61
CA ASP A 44 -12.45 -3.70 -9.56
C ASP A 44 -11.89 -3.43 -10.93
C ASP A 44 -11.95 -3.21 -10.92
N GLU A 45 -12.73 -3.48 -11.97
CA GLU A 45 -12.30 -3.17 -13.33
C GLU A 45 -12.32 -1.66 -13.64
N SER A 46 -13.22 -0.90 -13.01
CA SER A 46 -13.56 0.42 -13.51
C SER A 46 -12.36 1.36 -13.56
N GLY A 47 -11.70 1.57 -12.43
CA GLY A 47 -10.62 2.53 -12.40
C GLY A 47 -9.38 2.04 -13.13
N GLY A 48 -9.01 0.78 -12.90
CA GLY A 48 -7.80 0.24 -13.50
C GLY A 48 -7.85 0.16 -15.02
N ARG A 49 -9.00 -0.22 -15.58
CA ARG A 49 -9.11 -0.27 -17.03
C ARG A 49 -8.94 1.12 -17.63
N ALA A 50 -9.51 2.12 -16.98
CA ALA A 50 -9.38 3.48 -17.48
C ALA A 50 -7.94 3.95 -17.39
N LEU A 51 -7.25 3.58 -16.31
CA LEU A 51 -5.84 3.95 -16.16
C LEU A 51 -4.96 3.33 -17.24
N GLU A 52 -5.25 2.10 -17.64
N GLU A 52 -5.22 2.07 -17.62
CA GLU A 52 -4.52 1.43 -18.72
CA GLU A 52 -4.47 1.49 -18.73
C GLU A 52 -4.72 2.17 -20.04
C GLU A 52 -4.66 2.31 -19.99
N GLN A 53 -5.92 2.69 -20.29
CA GLN A 53 -6.17 3.46 -21.49
C GLN A 53 -5.46 4.81 -21.45
N GLU A 54 -5.38 5.40 -20.27
CA GLU A 54 -4.81 6.73 -20.10
C GLU A 54 -3.29 6.73 -20.20
N LEU A 55 -2.63 5.73 -19.62
CA LEU A 55 -1.18 5.73 -19.44
C LEU A 55 -0.50 4.75 -20.39
N PRO A 56 0.23 5.23 -21.38
CA PRO A 56 1.11 4.34 -22.11
C PRO A 56 2.12 3.76 -21.15
N GLY A 57 2.31 2.48 -21.25
CA GLY A 57 3.24 1.82 -20.36
C GLY A 57 2.59 1.18 -19.16
N ALA A 58 1.29 1.39 -18.94
CA ALA A 58 0.53 0.67 -17.93
C ALA A 58 -0.48 -0.27 -18.57
N VAL A 59 -0.64 -1.45 -17.98
CA VAL A 59 -1.67 -2.40 -18.39
C VAL A 59 -2.40 -2.86 -17.14
N PHE A 60 -3.66 -3.25 -17.35
CA PHE A 60 -4.55 -3.69 -16.28
C PHE A 60 -4.76 -5.20 -16.32
N ILE A 61 -4.59 -5.83 -15.16
CA ILE A 61 -4.90 -7.26 -14.99
C ILE A 61 -5.86 -7.38 -13.82
N LEU A 62 -7.04 -7.93 -14.08
CA LEU A 62 -8.01 -8.14 -13.02
C LEU A 62 -7.48 -9.21 -12.10
N CYS A 63 -7.43 -8.91 -10.81
CA CYS A 63 -6.80 -9.83 -9.85
C CYS A 63 -7.23 -9.46 -8.46
N ASP A 64 -7.85 -10.40 -7.76
CA ASP A 64 -8.16 -10.27 -6.34
C ASP A 64 -7.02 -10.91 -5.55
N VAL A 65 -6.30 -10.11 -4.76
CA VAL A 65 -5.11 -10.62 -4.10
C VAL A 65 -5.40 -11.63 -3.02
N THR A 66 -6.68 -11.83 -2.64
CA THR A 66 -7.03 -12.87 -1.67
C THR A 66 -7.22 -14.23 -2.33
N GLN A 67 -7.11 -14.30 -3.66
CA GLN A 67 -7.37 -15.53 -4.40
C GLN A 67 -6.02 -15.98 -4.96
N GLU A 68 -5.44 -17.02 -4.36
CA GLU A 68 -4.08 -17.44 -4.69
C GLU A 68 -3.91 -17.69 -6.17
N ASP A 69 -4.91 -18.27 -6.84
CA ASP A 69 -4.76 -18.54 -8.26
C ASP A 69 -4.83 -17.27 -9.11
N ASP A 70 -5.60 -16.25 -8.69
CA ASP A 70 -5.53 -14.95 -9.36
C ASP A 70 -4.12 -14.39 -9.31
N VAL A 71 -3.45 -14.53 -8.16
CA VAL A 71 -2.13 -13.95 -7.98
C VAL A 71 -1.09 -14.72 -8.78
N LYS A 72 -1.21 -16.04 -8.82
N LYS A 72 -1.21 -16.05 -8.81
CA LYS A 72 -0.31 -16.83 -9.67
CA LYS A 72 -0.31 -16.83 -9.66
C LYS A 72 -0.41 -16.38 -11.12
C LYS A 72 -0.41 -16.39 -11.11
N THR A 73 -1.63 -16.16 -11.59
CA THR A 73 -1.84 -15.72 -12.95
C THR A 73 -1.30 -14.30 -13.15
N LEU A 74 -1.46 -13.43 -12.14
CA LEU A 74 -0.88 -12.09 -12.24
C LEU A 74 0.62 -12.16 -12.50
N VAL A 75 1.33 -12.98 -11.74
CA VAL A 75 2.78 -13.06 -11.89
C VAL A 75 3.13 -13.70 -13.23
N SER A 76 2.48 -14.81 -13.58
CA SER A 76 2.86 -15.47 -14.82
C SER A 76 2.54 -14.60 -16.03
N GLU A 77 1.45 -13.83 -15.99
CA GLU A 77 1.14 -12.93 -17.11
C GLU A 77 2.10 -11.76 -17.20
N THR A 78 2.54 -11.22 -16.04
CA THR A 78 3.53 -10.15 -16.05
C THR A 78 4.80 -10.62 -16.73
N ILE A 79 5.27 -11.82 -16.37
CA ILE A 79 6.49 -12.35 -16.96
C ILE A 79 6.26 -12.66 -18.43
N ARG A 80 5.12 -13.24 -18.78
CA ARG A 80 4.87 -13.59 -20.18
C ARG A 80 4.85 -12.34 -21.05
N ARG A 81 4.26 -11.26 -20.55
CA ARG A 81 4.07 -10.06 -21.34
C ARG A 81 5.27 -9.12 -21.35
N PHE A 82 6.05 -9.08 -20.27
CA PHE A 82 7.11 -8.09 -20.13
C PHE A 82 8.50 -8.66 -19.86
N GLY A 83 8.62 -9.95 -19.57
CA GLY A 83 9.92 -10.61 -19.57
C GLY A 83 10.75 -10.46 -18.32
N ARG A 84 10.28 -9.73 -17.32
CA ARG A 84 11.04 -9.54 -16.09
C ARG A 84 10.09 -8.93 -15.06
N LEU A 85 10.55 -8.90 -13.81
CA LEU A 85 9.79 -8.26 -12.73
C LEU A 85 10.80 -7.65 -11.77
N ASP A 86 10.70 -6.34 -11.54
CA ASP A 86 11.67 -5.60 -10.75
C ASP A 86 11.15 -5.11 -9.42
N CYS A 87 9.85 -4.87 -9.30
CA CYS A 87 9.32 -4.28 -8.08
C CYS A 87 7.87 -4.72 -7.92
N VAL A 88 7.52 -5.14 -6.71
CA VAL A 88 6.15 -5.41 -6.33
C VAL A 88 5.77 -4.40 -5.26
N VAL A 89 4.66 -3.68 -5.49
CA VAL A 89 4.11 -2.73 -4.52
C VAL A 89 2.81 -3.31 -4.01
N ASN A 90 2.83 -3.76 -2.75
CA ASN A 90 1.64 -4.37 -2.12
C ASN A 90 0.84 -3.26 -1.47
N ASN A 91 -0.10 -2.69 -2.24
CA ASN A 91 -0.92 -1.58 -1.79
C ASN A 91 -2.37 -1.99 -1.48
N ALA A 92 -2.89 -3.03 -2.14
CA ALA A 92 -4.26 -3.46 -1.91
C ALA A 92 -4.48 -3.65 -0.40
N GLY A 93 -5.58 -3.10 0.09
CA GLY A 93 -5.92 -3.22 1.49
C GLY A 93 -7.21 -2.47 1.73
N HIS A 94 -7.76 -2.66 2.92
CA HIS A 94 -9.00 -1.99 3.27
C HIS A 94 -8.99 -1.59 4.75
N HIS A 95 -9.69 -0.49 5.04
CA HIS A 95 -9.98 -0.04 6.40
C HIS A 95 -11.47 -0.12 6.64
N PRO A 96 -11.92 -0.98 7.55
CA PRO A 96 -13.35 -1.06 7.87
C PRO A 96 -13.84 0.24 8.46
N PRO A 97 -15.16 0.44 8.53
CA PRO A 97 -15.70 1.53 9.33
C PRO A 97 -15.25 1.41 10.76
N PRO A 98 -15.24 2.51 11.49
CA PRO A 98 -14.92 2.45 12.93
C PRO A 98 -15.76 1.39 13.63
N GLN A 99 -15.10 0.57 14.44
CA GLN A 99 -15.74 -0.51 15.16
C GLN A 99 -15.14 -0.57 16.55
N ARG A 100 -16.01 -0.50 17.57
CA ARG A 100 -15.58 -0.75 18.93
C ARG A 100 -15.11 -2.20 19.06
N PRO A 101 -14.18 -2.47 19.97
CA PRO A 101 -13.66 -3.84 20.08
C PRO A 101 -14.75 -4.90 20.27
N GLU A 102 -15.75 -4.61 21.09
CA GLU A 102 -16.82 -5.58 21.32
C GLU A 102 -17.71 -5.75 20.10
N GLU A 103 -17.58 -4.89 19.11
CA GLU A 103 -18.36 -5.01 17.88
C GLU A 103 -17.62 -5.75 16.78
N THR A 104 -16.36 -6.11 17.00
CA THR A 104 -15.59 -6.87 16.03
C THR A 104 -15.87 -8.36 16.23
N SER A 105 -15.47 -9.15 15.24
CA SER A 105 -15.61 -10.59 15.32
C SER A 105 -14.30 -11.22 14.86
N ALA A 106 -14.04 -12.43 15.36
CA ALA A 106 -12.89 -13.18 14.90
C ALA A 106 -12.98 -13.45 13.39
N GLN A 107 -14.18 -13.73 12.88
N GLN A 107 -14.18 -13.75 12.91
CA GLN A 107 -14.27 -14.04 11.45
CA GLN A 107 -14.40 -14.01 11.50
C GLN A 107 -14.05 -12.79 10.61
C GLN A 107 -14.02 -12.80 10.66
N GLY A 108 -14.51 -11.62 11.06
CA GLY A 108 -14.17 -10.40 10.34
C GLY A 108 -12.69 -10.06 10.39
N PHE A 109 -12.07 -10.30 11.54
CA PHE A 109 -10.62 -10.16 11.71
C PHE A 109 -9.88 -11.08 10.74
N ARG A 110 -10.32 -12.34 10.62
CA ARG A 110 -9.69 -13.25 9.66
C ARG A 110 -9.80 -12.73 8.25
N GLN A 111 -10.98 -12.22 7.88
CA GLN A 111 -11.19 -11.73 6.53
C GLN A 111 -10.28 -10.55 6.24
N LEU A 112 -10.09 -9.67 7.22
CA LEU A 112 -9.23 -8.51 7.01
C LEU A 112 -7.76 -8.92 6.93
N LEU A 113 -7.36 -9.89 7.76
CA LEU A 113 -6.02 -10.46 7.61
C LEU A 113 -5.81 -11.03 6.21
N GLU A 114 -6.83 -11.67 5.63
CA GLU A 114 -6.66 -12.26 4.29
C GLU A 114 -6.26 -11.21 3.28
N LEU A 115 -6.89 -10.04 3.34
CA LEU A 115 -6.58 -8.99 2.37
C LEU A 115 -5.31 -8.26 2.76
N ASN A 116 -5.30 -7.65 3.95
CA ASN A 116 -4.24 -6.71 4.26
C ASN A 116 -2.89 -7.38 4.48
N LEU A 117 -2.87 -8.64 4.96
CA LEU A 117 -1.62 -9.32 5.28
C LEU A 117 -1.33 -10.47 4.32
N LEU A 118 -2.24 -11.43 4.20
CA LEU A 118 -1.93 -12.62 3.44
C LEU A 118 -1.89 -12.35 1.93
N GLY A 119 -2.61 -11.36 1.43
CA GLY A 119 -2.49 -11.03 0.01
C GLY A 119 -1.11 -10.48 -0.31
N THR A 120 -0.60 -9.65 0.57
CA THR A 120 0.78 -9.16 0.46
C THR A 120 1.77 -10.31 0.54
N TYR A 121 1.57 -11.21 1.48
CA TYR A 121 2.44 -12.37 1.62
C TYR A 121 2.45 -13.22 0.35
N THR A 122 1.28 -13.50 -0.21
CA THR A 122 1.17 -14.43 -1.34
C THR A 122 1.81 -13.84 -2.59
N LEU A 123 1.50 -12.58 -2.93
CA LEU A 123 2.13 -12.00 -4.12
C LEU A 123 3.64 -11.95 -3.93
N THR A 124 4.09 -11.54 -2.75
CA THR A 124 5.53 -11.45 -2.52
C THR A 124 6.18 -12.80 -2.72
N LYS A 125 5.57 -13.86 -2.17
CA LYS A 125 6.14 -15.20 -2.31
C LYS A 125 6.26 -15.61 -3.77
N LEU A 126 5.21 -15.37 -4.55
CA LEU A 126 5.20 -15.83 -5.93
C LEU A 126 6.15 -14.99 -6.78
N ALA A 127 6.36 -13.72 -6.40
CA ALA A 127 7.23 -12.83 -7.15
C ALA A 127 8.70 -13.00 -6.83
N LEU A 128 9.05 -13.50 -5.62
CA LEU A 128 10.44 -13.46 -5.20
C LEU A 128 11.40 -14.18 -6.13
N PRO A 129 11.05 -15.32 -6.76
CA PRO A 129 12.03 -15.93 -7.68
C PRO A 129 12.43 -15.01 -8.81
N TYR A 130 11.49 -14.20 -9.30
CA TYR A 130 11.78 -13.26 -10.38
C TYR A 130 12.51 -12.03 -9.84
N LEU A 131 12.15 -11.57 -8.64
CA LEU A 131 12.87 -10.46 -8.03
C LEU A 131 14.32 -10.83 -7.74
N ARG A 132 14.58 -12.08 -7.35
CA ARG A 132 15.96 -12.50 -7.19
C ARG A 132 16.75 -12.37 -8.50
N LYS A 133 16.14 -12.74 -9.63
CA LYS A 133 16.85 -12.67 -10.90
C LYS A 133 17.21 -11.25 -11.27
N SER A 134 16.35 -10.29 -10.93
CA SER A 134 16.52 -8.89 -11.31
C SER A 134 17.15 -8.03 -10.22
N GLN A 135 17.48 -8.62 -9.06
CA GLN A 135 17.84 -7.90 -7.85
C GLN A 135 16.86 -6.75 -7.61
N GLY A 136 15.57 -7.11 -7.69
CA GLY A 136 14.49 -6.17 -7.52
C GLY A 136 14.14 -5.98 -6.06
N ASN A 137 12.96 -5.44 -5.81
CA ASN A 137 12.62 -5.05 -4.45
C ASN A 137 11.11 -5.11 -4.24
N VAL A 138 10.74 -5.14 -2.98
CA VAL A 138 9.36 -5.21 -2.50
C VAL A 138 9.07 -3.94 -1.70
N ILE A 139 7.92 -3.32 -1.95
CA ILE A 139 7.44 -2.17 -1.20
C ILE A 139 6.05 -2.52 -0.68
N ASN A 140 5.90 -2.57 0.63
CA ASN A 140 4.62 -2.81 1.26
C ASN A 140 4.03 -1.50 1.75
N ILE A 141 2.73 -1.31 1.52
CA ILE A 141 2.04 -0.12 2.01
C ILE A 141 1.38 -0.50 3.33
N SER A 142 1.95 -0.04 4.42
CA SER A 142 1.44 -0.36 5.76
C SER A 142 0.56 0.82 6.22
N SER A 143 0.73 1.32 7.43
CA SER A 143 0.05 2.50 7.94
C SER A 143 0.77 2.99 9.18
N LEU A 144 0.75 4.31 9.36
CA LEU A 144 1.19 4.86 10.63
C LEU A 144 0.47 4.22 11.82
N VAL A 145 -0.80 3.82 11.66
CA VAL A 145 -1.50 3.34 12.84
C VAL A 145 -1.02 1.96 13.25
N GLY A 146 -0.28 1.26 12.39
CA GLY A 146 0.37 0.04 12.84
C GLY A 146 1.43 0.33 13.89
N ALA A 147 2.01 1.53 13.86
CA ALA A 147 3.07 1.93 14.76
C ALA A 147 2.55 2.60 16.04
N ILE A 148 1.51 3.41 15.93
CA ILE A 148 1.03 4.23 17.05
C ILE A 148 -0.37 3.87 17.48
N GLY A 149 -1.05 2.97 16.80
CA GLY A 149 -2.42 2.63 17.11
C GLY A 149 -3.42 3.63 16.55
N GLN A 150 -4.69 3.21 16.57
CA GLN A 150 -5.83 4.02 16.21
C GLN A 150 -7.01 3.58 17.07
N ALA A 151 -7.90 4.50 17.37
CA ALA A 151 -9.14 4.13 18.05
C ALA A 151 -10.13 3.50 17.08
N GLN A 152 -10.93 2.59 17.61
CA GLN A 152 -12.03 1.91 16.88
C GLN A 152 -11.53 1.20 15.63
N ALA A 153 -10.38 0.53 15.74
CA ALA A 153 -9.83 -0.18 14.60
C ALA A 153 -8.90 -1.31 15.00
N VAL A 154 -9.27 -2.10 16.00
CA VAL A 154 -8.35 -3.13 16.49
C VAL A 154 -7.94 -4.09 15.39
N PRO A 155 -8.84 -4.68 14.60
CA PRO A 155 -8.37 -5.58 13.54
C PRO A 155 -7.48 -4.91 12.51
N TYR A 156 -7.87 -3.72 12.03
CA TYR A 156 -7.08 -3.03 11.02
C TYR A 156 -5.66 -2.74 11.52
N VAL A 157 -5.56 -2.21 12.74
CA VAL A 157 -4.25 -1.86 13.30
C VAL A 157 -3.39 -3.10 13.40
N ALA A 158 -3.97 -4.20 13.87
CA ALA A 158 -3.23 -5.46 13.97
C ALA A 158 -2.68 -5.87 12.60
N THR A 159 -3.49 -5.76 11.53
CA THR A 159 -3.01 -6.19 10.21
C THR A 159 -1.82 -5.35 9.76
N LYS A 160 -1.84 -4.04 10.05
CA LYS A 160 -0.72 -3.21 9.59
C LYS A 160 0.51 -3.36 10.47
N GLY A 161 0.35 -3.59 11.78
CA GLY A 161 1.51 -3.98 12.58
C GLY A 161 2.16 -5.24 12.02
N ALA A 162 1.35 -6.18 11.55
CA ALA A 162 1.89 -7.39 10.96
C ALA A 162 2.66 -7.10 9.67
N VAL A 163 2.11 -6.24 8.81
CA VAL A 163 2.79 -5.94 7.54
C VAL A 163 4.15 -5.31 7.80
N THR A 164 4.21 -4.33 8.72
CA THR A 164 5.47 -3.66 9.00
C THR A 164 6.49 -4.64 9.56
N ALA A 165 6.08 -5.49 10.48
CA ALA A 165 7.01 -6.47 11.03
C ALA A 165 7.45 -7.46 9.98
N MET A 166 6.51 -7.94 9.16
CA MET A 166 6.83 -8.90 8.11
C MET A 166 7.85 -8.34 7.14
N THR A 167 7.73 -7.04 6.82
CA THR A 167 8.69 -6.35 5.97
C THR A 167 10.10 -6.53 6.49
N LYS A 168 10.30 -6.37 7.81
CA LYS A 168 11.63 -6.49 8.38
C LYS A 168 12.14 -7.93 8.32
N ALA A 169 11.27 -8.90 8.61
CA ALA A 169 11.66 -10.30 8.57
C ALA A 169 12.07 -10.71 7.16
N LEU A 170 11.28 -10.31 6.17
CA LEU A 170 11.60 -10.66 4.79
C LEU A 170 12.85 -9.93 4.32
N ALA A 171 13.03 -8.68 4.74
CA ALA A 171 14.30 -7.97 4.44
C ALA A 171 15.49 -8.78 4.89
N LEU A 172 15.44 -9.32 6.11
CA LEU A 172 16.54 -10.15 6.60
C LEU A 172 16.73 -11.38 5.72
N ASP A 173 15.63 -12.07 5.39
CA ASP A 173 15.77 -13.31 4.63
C ASP A 173 16.26 -13.08 3.22
N GLU A 174 15.89 -11.96 2.60
CA GLU A 174 16.23 -11.76 1.19
C GLU A 174 17.50 -10.95 0.99
N SER A 175 18.06 -10.38 2.07
CA SER A 175 19.30 -9.60 1.93
C SER A 175 20.44 -10.37 1.27
N PRO A 176 20.64 -11.68 1.49
CA PRO A 176 21.75 -12.36 0.82
C PRO A 176 21.61 -12.42 -0.69
N TYR A 177 20.38 -12.24 -1.20
CA TYR A 177 20.10 -12.27 -2.63
C TYR A 177 20.09 -10.87 -3.24
N GLY A 178 20.32 -9.86 -2.44
CA GLY A 178 20.30 -8.51 -2.97
C GLY A 178 18.91 -7.95 -3.20
N VAL A 179 17.88 -8.60 -2.68
CA VAL A 179 16.50 -8.14 -2.81
C VAL A 179 16.14 -7.36 -1.57
N ARG A 180 15.81 -6.07 -1.74
CA ARG A 180 15.43 -5.20 -0.66
C ARG A 180 13.93 -5.28 -0.43
N VAL A 181 13.52 -5.13 0.83
CA VAL A 181 12.12 -5.19 1.22
C VAL A 181 11.88 -4.03 2.18
N ASN A 182 11.02 -3.07 1.79
CA ASN A 182 10.77 -1.89 2.58
C ASN A 182 9.27 -1.64 2.68
N CYS A 183 8.87 -0.81 3.63
CA CYS A 183 7.47 -0.39 3.65
C CYS A 183 7.35 1.12 3.76
N ILE A 184 6.21 1.59 3.30
CA ILE A 184 5.77 2.97 3.46
C ILE A 184 4.59 2.93 4.43
N SER A 185 4.64 3.76 5.45
CA SER A 185 3.54 3.93 6.39
C SER A 185 2.92 5.31 6.20
N PRO A 186 1.87 5.43 5.40
CA PRO A 186 1.18 6.71 5.28
C PRO A 186 0.37 7.02 6.51
N GLY A 187 0.17 8.30 6.74
CA GLY A 187 -0.82 8.80 7.66
C GLY A 187 -2.06 9.10 6.86
N ASN A 188 -2.72 10.22 7.16
CA ASN A 188 -3.96 10.57 6.51
C ASN A 188 -3.70 11.01 5.07
N ILE A 189 -4.12 10.20 4.10
CA ILE A 189 -4.00 10.50 2.68
C ILE A 189 -5.42 10.64 2.13
N TRP A 190 -5.68 11.72 1.40
CA TRP A 190 -7.02 11.97 0.88
C TRP A 190 -7.25 11.07 -0.33
N THR A 191 -8.09 10.06 -0.17
CA THR A 191 -8.38 9.01 -1.13
C THR A 191 -9.86 8.72 -1.14
N PRO A 192 -10.37 7.98 -2.13
CA PRO A 192 -11.78 7.62 -2.09
C PRO A 192 -12.18 6.85 -0.85
N LEU A 193 -11.27 6.05 -0.29
CA LEU A 193 -11.60 5.36 0.94
C LEU A 193 -11.73 6.34 2.11
N TRP A 194 -10.82 7.31 2.22
CA TRP A 194 -10.98 8.31 3.28
C TRP A 194 -12.34 8.98 3.15
N GLU A 195 -12.70 9.35 1.94
CA GLU A 195 -13.96 10.05 1.72
C GLU A 195 -15.16 9.16 2.05
N GLU A 196 -15.08 7.88 1.68
CA GLU A 196 -16.15 6.93 2.01
C GLU A 196 -16.32 6.77 3.52
N LEU A 197 -15.20 6.66 4.25
CA LEU A 197 -15.25 6.47 5.70
C LEU A 197 -15.83 7.70 6.37
N ALA A 198 -15.42 8.88 5.93
CA ALA A 198 -15.96 10.11 6.49
C ALA A 198 -17.46 10.22 6.27
N ALA A 199 -17.95 9.75 5.11
CA ALA A 199 -19.35 9.86 4.77
C ALA A 199 -20.25 9.06 5.72
N LEU A 200 -19.69 8.04 6.37
CA LEU A 200 -20.39 7.23 7.36
C LEU A 200 -20.55 7.93 8.69
N MET A 201 -19.83 9.01 8.93
CA MET A 201 -19.79 9.61 10.24
C MET A 201 -20.95 10.58 10.43
N PRO A 202 -21.33 10.86 11.67
CA PRO A 202 -22.42 11.82 11.93
C PRO A 202 -22.24 13.17 11.27
N ASP A 203 -21.02 13.69 11.26
CA ASP A 203 -20.68 14.99 10.68
C ASP A 203 -19.46 14.77 9.81
N PRO A 204 -19.66 14.34 8.57
CA PRO A 204 -18.51 14.07 7.70
C PRO A 204 -17.57 15.26 7.57
N ARG A 205 -18.10 16.47 7.46
CA ARG A 205 -17.24 17.65 7.29
C ARG A 205 -16.35 17.84 8.51
N ALA A 206 -16.90 17.65 9.71
CA ALA A 206 -16.09 17.76 10.92
C ALA A 206 -15.04 16.68 11.00
N THR A 207 -15.37 15.46 10.55
CA THR A 207 -14.41 14.37 10.55
C THR A 207 -13.25 14.68 9.63
N ILE A 208 -13.55 15.24 8.45
CA ILE A 208 -12.50 15.59 7.49
C ILE A 208 -11.62 16.71 8.04
N ARG A 209 -12.23 17.71 8.68
CA ARG A 209 -11.44 18.79 9.25
C ARG A 209 -10.53 18.26 10.34
N GLU A 210 -11.04 17.39 11.20
CA GLU A 210 -10.18 16.80 12.22
C GLU A 210 -9.05 16.00 11.60
N GLY A 211 -9.34 15.33 10.48
CA GLY A 211 -8.30 14.57 9.80
C GLY A 211 -7.20 15.46 9.24
N MET A 212 -7.56 16.65 8.76
CA MET A 212 -6.57 17.60 8.28
C MET A 212 -5.71 18.12 9.42
N LEU A 213 -6.32 18.39 10.57
CA LEU A 213 -5.63 19.00 11.69
C LEU A 213 -4.87 17.98 12.53
N ALA A 214 -4.93 16.70 12.18
CA ALA A 214 -4.15 15.68 12.86
C ALA A 214 -2.68 15.74 12.47
N GLN A 215 -2.33 16.49 11.42
CA GLN A 215 -0.97 16.68 10.96
C GLN A 215 -0.49 18.08 11.31
N PRO A 216 0.72 18.24 11.85
CA PRO A 216 1.29 19.59 11.98
C PRO A 216 1.25 20.37 10.67
N LEU A 217 1.38 19.72 9.52
CA LEU A 217 1.29 20.45 8.26
C LEU A 217 -0.12 20.97 7.96
N GLY A 218 -1.14 20.49 8.66
CA GLY A 218 -2.48 21.06 8.56
C GLY A 218 -3.26 20.66 7.32
N ARG A 219 -2.83 19.62 6.63
CA ARG A 219 -3.51 19.08 5.47
C ARG A 219 -3.29 17.58 5.47
N MET A 220 -4.10 16.87 4.70
CA MET A 220 -3.84 15.48 4.40
C MET A 220 -2.85 15.37 3.25
N GLY A 221 -2.31 14.17 3.09
CA GLY A 221 -1.39 13.89 2.01
C GLY A 221 -2.10 13.49 0.74
N GLN A 222 -1.31 13.38 -0.32
CA GLN A 222 -1.80 13.05 -1.64
C GLN A 222 -1.24 11.72 -2.11
N PRO A 223 -2.00 10.97 -2.90
CA PRO A 223 -1.44 9.75 -3.52
C PRO A 223 -0.12 9.97 -4.23
N ALA A 224 0.05 11.12 -4.91
CA ALA A 224 1.31 11.39 -5.58
C ALA A 224 2.48 11.43 -4.63
N GLU A 225 2.27 11.87 -3.39
CA GLU A 225 3.36 11.93 -2.42
C GLU A 225 3.75 10.52 -1.98
N VAL A 226 2.78 9.62 -1.80
CA VAL A 226 3.14 8.23 -1.54
C VAL A 226 3.84 7.63 -2.75
N GLY A 227 3.37 7.97 -3.95
CA GLY A 227 4.01 7.44 -5.15
C GLY A 227 5.47 7.85 -5.26
N ALA A 228 5.77 9.12 -4.94
CA ALA A 228 7.16 9.56 -5.02
C ALA A 228 8.04 8.79 -4.03
N ALA A 229 7.53 8.54 -2.83
CA ALA A 229 8.28 7.75 -1.86
C ALA A 229 8.53 6.33 -2.39
N ALA A 230 7.53 5.75 -3.07
CA ALA A 230 7.71 4.41 -3.61
C ALA A 230 8.76 4.40 -4.71
N VAL A 231 8.74 5.40 -5.58
CA VAL A 231 9.75 5.44 -6.65
C VAL A 231 11.14 5.61 -6.06
N PHE A 232 11.26 6.43 -4.99
CA PHE A 232 12.55 6.54 -4.31
C PHE A 232 13.04 5.18 -3.79
N LEU A 233 12.17 4.46 -3.08
CA LEU A 233 12.57 3.19 -2.50
C LEU A 233 12.97 2.19 -3.57
N ALA A 234 12.26 2.19 -4.71
CA ALA A 234 12.59 1.26 -5.77
C ALA A 234 13.90 1.62 -6.46
N SER A 235 14.08 2.91 -6.77
CA SER A 235 15.09 3.30 -7.74
C SER A 235 16.39 3.86 -7.17
N GLU A 236 16.38 4.40 -5.96
CA GLU A 236 17.49 5.17 -5.44
C GLU A 236 17.84 4.85 -3.99
N ALA A 237 17.18 3.89 -3.39
CA ALA A 237 17.43 3.57 -1.98
C ALA A 237 18.19 2.26 -1.84
N ASN A 238 19.34 2.15 -2.51
CA ASN A 238 20.00 0.85 -2.64
C ASN A 238 20.63 0.35 -1.35
N PHE A 239 20.78 1.19 -0.33
CA PHE A 239 21.26 0.79 0.98
C PHE A 239 20.13 0.78 2.02
N CYS A 240 18.87 0.86 1.58
CA CYS A 240 17.74 0.81 2.48
C CYS A 240 17.05 -0.54 2.34
N THR A 241 17.00 -1.29 3.43
CA THR A 241 16.20 -2.49 3.44
C THR A 241 15.62 -2.64 4.84
N GLY A 242 14.37 -3.09 4.91
CA GLY A 242 13.68 -3.20 6.17
C GLY A 242 13.28 -1.91 6.84
N ILE A 243 13.20 -0.81 6.09
CA ILE A 243 12.84 0.47 6.69
C ILE A 243 11.33 0.67 6.59
N GLU A 244 10.85 1.55 7.48
CA GLU A 244 9.47 2.04 7.50
C GLU A 244 9.54 3.53 7.21
N LEU A 245 9.19 3.89 5.98
CA LEU A 245 9.23 5.28 5.53
C LEU A 245 7.90 5.96 5.84
N LEU A 246 7.92 6.91 6.78
CA LEU A 246 6.71 7.59 7.22
C LEU A 246 6.35 8.69 6.24
N VAL A 247 5.11 8.66 5.74
CA VAL A 247 4.58 9.69 4.86
C VAL A 247 3.31 10.18 5.54
N THR A 248 3.48 11.01 6.58
CA THR A 248 2.42 11.27 7.53
C THR A 248 2.20 12.76 7.83
N GLY A 249 3.00 13.65 7.26
CA GLY A 249 2.84 15.05 7.59
C GLY A 249 3.15 15.41 9.03
N GLY A 250 3.88 14.55 9.74
CA GLY A 250 4.20 14.79 11.13
C GLY A 250 3.15 14.40 12.15
N ALA A 251 2.17 13.59 11.78
CA ALA A 251 1.07 13.27 12.71
C ALA A 251 1.54 12.60 13.99
N GLU A 252 2.66 11.89 13.95
CA GLU A 252 3.18 11.17 15.09
C GLU A 252 3.95 12.07 16.06
N LEU A 253 4.16 13.33 15.72
CA LEU A 253 5.00 14.25 16.49
C LEU A 253 4.20 15.08 17.47
N GLY A 254 4.79 15.32 18.64
CA GLY A 254 4.19 16.24 19.58
C GLY A 254 2.97 15.76 20.33
N TYR A 255 2.54 16.55 21.30
CA TYR A 255 1.33 16.26 22.06
C TYR A 255 0.12 16.76 21.30
N GLY A 256 -1.00 16.09 21.52
CA GLY A 256 -2.24 16.47 20.87
C GLY A 256 -3.41 16.12 21.74
N CYS A 257 -4.65 16.20 21.21
N CYS A 257 -4.61 16.12 21.18
CA CYS A 257 -5.84 15.82 21.96
CA CYS A 257 -5.84 15.82 21.92
C CYS A 257 -6.12 14.34 21.75
C CYS A 257 -6.17 14.33 21.75
N LYS A 258 -5.99 13.55 22.81
CA LYS A 258 -6.19 12.12 22.74
C LYS A 258 -7.35 11.62 23.62
N ALA A 259 -7.90 12.46 24.49
CA ALA A 259 -9.04 12.12 25.32
C ALA A 259 -10.21 13.07 25.08
N SER A 260 -11.41 12.61 25.40
CA SER A 260 -12.62 13.43 25.28
C SER A 260 -12.78 14.34 26.49
N PRO A 268 -5.62 17.46 38.53
CA PRO A 268 -5.25 17.17 37.13
C PRO A 268 -4.66 15.79 36.97
N ASP A 269 -4.24 15.18 38.07
CA ASP A 269 -3.55 13.90 38.05
C ASP A 269 -4.36 12.77 38.67
N ILE A 270 -5.68 12.94 38.77
CA ILE A 270 -6.55 11.87 39.27
C ILE A 270 -7.88 11.88 38.52
#